data_6HZP
#
_entry.id   6HZP
#
_cell.length_a   60.030
_cell.length_b   57.060
_cell.length_c   99.500
_cell.angle_alpha   90.000
_cell.angle_beta   104.980
_cell.angle_gamma   90.000
#
_symmetry.space_group_name_H-M   'P 1 21 1'
#
loop_
_entity.id
_entity.type
_entity.pdbx_description
1 polymer 'Peptide ABC transporter permease'
2 non-polymer '5-azanyl-4-oxidanylidene-pentanoic acid'
3 water water
#
_entity_poly.entity_id   1
_entity_poly.type   'polypeptide(L)'
_entity_poly.pdbx_seq_one_letter_code
;QTIQSIPQKGFFGHPRGLGVLFFVEFWERFSYYGMRAMLIFYMYFAIHQNGLGIDKTTAMSIMSVYGALIYMSSIPGAWI
ADRITGTRGATLLGAVLIIIGHICLSLPFALFGLFSSMFFIIIGSGLMKPNISNIVGRLYPENDTRIDAGFVIFYMSVNL
GALISPIILQHFVDIRNFHGGFLLAAIGMALGLVWYLLFNRKNLGSVGMKPTNPLSKEEKRKYGMIIGIIVAIVIVVLLV
TYYTHTLSFDLISNTVLVLGVALPIIYFTTMLRSKDVTDGERSRVKAFIPLFILGMLFWSIQEQGSNVLNIYGLERSDMQ
LNLFGWTTRFGEALFQSINPLFILLFAPVISMIWLKMGKKQPSLAIKFSIGTLLAGLSYILIGLVGLGYGHTQFSVNWVI
LSYVICVIGELCLSPTGNSAAVKLAPKAFNAQMMSVWLLTNASAQAINGTLVKLIKPLGQTNYFIFLGTVAIVITLIILV
FSPKITK
;
_entity_poly.pdbx_strand_id   A
#
loop_
_chem_comp.id
_chem_comp.type
_chem_comp.name
_chem_comp.formula
FVT non-polymer '5-azanyl-4-oxidanylidene-pentanoic acid' 'C5 H9 N O3'
#
# COMPACT_ATOMS: atom_id res chain seq x y z
N GLN A 1 -15.46 5.37 -30.31
CA GLN A 1 -14.08 5.13 -29.88
C GLN A 1 -13.66 6.15 -28.83
N THR A 2 -13.06 5.69 -27.74
CA THR A 2 -12.57 6.58 -26.69
C THR A 2 -11.23 7.23 -27.12
N ILE A 3 -10.42 6.50 -27.91
CA ILE A 3 -9.13 6.95 -28.45
C ILE A 3 -9.31 8.16 -29.41
N GLN A 4 -10.38 8.18 -30.23
CA GLN A 4 -10.63 9.30 -31.15
C GLN A 4 -10.92 10.64 -30.42
N SER A 5 -11.41 10.57 -29.17
CA SER A 5 -11.72 11.76 -28.37
C SER A 5 -10.54 12.31 -27.56
N ILE A 6 -9.31 11.73 -27.67
CA ILE A 6 -8.16 12.15 -26.86
C ILE A 6 -6.84 12.36 -27.63
N PRO A 7 -5.93 13.24 -27.13
CA PRO A 7 -4.60 13.37 -27.78
C PRO A 7 -3.74 12.12 -27.55
N GLN A 8 -3.05 11.61 -28.59
CA GLN A 8 -2.22 10.42 -28.49
C GLN A 8 -0.75 10.71 -28.17
N LYS A 9 -0.35 12.00 -28.16
CA LYS A 9 1.00 12.45 -27.81
C LYS A 9 0.85 13.68 -26.88
N GLY A 10 1.96 14.28 -26.48
CA GLY A 10 1.93 15.50 -25.67
C GLY A 10 2.57 15.41 -24.31
N PHE A 11 2.91 14.21 -23.81
CA PHE A 11 3.58 14.05 -22.52
C PHE A 11 4.72 13.02 -22.63
N PHE A 12 5.90 13.48 -23.07
CA PHE A 12 7.12 12.67 -23.25
C PHE A 12 6.88 11.46 -24.17
N GLY A 13 6.16 11.66 -25.28
CA GLY A 13 5.86 10.63 -26.26
C GLY A 13 4.64 9.77 -25.92
N HIS A 14 3.89 10.12 -24.86
CA HIS A 14 2.71 9.39 -24.40
C HIS A 14 1.48 10.31 -24.44
N PRO A 15 0.24 9.77 -24.40
CA PRO A 15 -0.95 10.65 -24.42
C PRO A 15 -0.89 11.81 -23.43
N ARG A 16 -1.38 13.01 -23.83
CA ARG A 16 -1.32 14.22 -22.97
C ARG A 16 -1.98 14.00 -21.59
N GLY A 17 -3.02 13.16 -21.55
CA GLY A 17 -3.72 12.79 -20.32
C GLY A 17 -2.85 12.09 -19.29
N LEU A 18 -1.75 11.40 -19.71
CA LEU A 18 -0.81 10.79 -18.77
C LEU A 18 -0.13 11.91 -17.95
N GLY A 19 0.05 13.09 -18.56
CA GLY A 19 0.59 14.27 -17.90
C GLY A 19 -0.36 14.85 -16.85
N VAL A 20 -1.69 14.86 -17.13
CA VAL A 20 -2.70 15.35 -16.17
C VAL A 20 -2.72 14.42 -14.93
N LEU A 21 -2.76 13.09 -15.15
CA LEU A 21 -2.82 12.10 -14.07
C LEU A 21 -1.49 11.93 -13.32
N PHE A 22 -0.33 12.19 -13.98
CA PHE A 22 0.97 12.16 -13.29
C PHE A 22 0.94 13.24 -12.18
N PHE A 23 0.48 14.46 -12.54
CA PHE A 23 0.38 15.59 -11.61
C PHE A 23 -0.62 15.31 -10.46
N VAL A 24 -1.78 14.72 -10.78
CA VAL A 24 -2.83 14.37 -9.79
C VAL A 24 -2.32 13.28 -8.83
N GLU A 25 -1.76 12.17 -9.37
CA GLU A 25 -1.25 11.08 -8.57
C GLU A 25 -0.02 11.49 -7.72
N PHE A 26 0.84 12.39 -8.24
CA PHE A 26 1.96 12.92 -7.46
C PHE A 26 1.44 13.61 -6.19
N TRP A 27 0.52 14.59 -6.37
CA TRP A 27 -0.03 15.38 -5.27
C TRP A 27 -0.88 14.55 -4.30
N GLU A 28 -1.59 13.53 -4.80
CA GLU A 28 -2.37 12.67 -3.92
C GLU A 28 -1.45 11.74 -3.10
N ARG A 29 -0.38 11.19 -3.71
CA ARG A 29 0.54 10.30 -3.01
C ARG A 29 1.46 11.11 -2.10
N PHE A 30 1.76 12.38 -2.47
CA PHE A 30 2.51 13.33 -1.64
C PHE A 30 1.77 13.53 -0.31
N SER A 31 0.48 13.90 -0.40
CA SER A 31 -0.36 14.12 0.77
C SER A 31 -0.63 12.85 1.58
N TYR A 32 -0.74 11.68 0.92
CA TYR A 32 -0.99 10.41 1.61
C TYR A 32 0.23 9.98 2.43
N TYR A 33 1.40 9.85 1.78
CA TYR A 33 2.62 9.44 2.47
C TYR A 33 3.15 10.52 3.44
N GLY A 34 2.75 11.77 3.23
CA GLY A 34 3.09 12.86 4.14
C GLY A 34 2.30 12.70 5.42
N MET A 35 0.99 12.55 5.29
CA MET A 35 0.08 12.32 6.41
C MET A 35 0.50 11.03 7.16
N ARG A 36 0.75 9.93 6.41
CA ARG A 36 1.15 8.64 7.03
C ARG A 36 2.44 8.73 7.83
N ALA A 37 3.47 9.43 7.29
CA ALA A 37 4.76 9.63 7.95
C ALA A 37 4.60 10.32 9.30
N MET A 38 3.67 11.30 9.38
CA MET A 38 3.38 12.05 10.61
C MET A 38 2.44 11.32 11.58
N LEU A 39 1.43 10.59 11.03
CA LEU A 39 0.36 9.96 11.80
C LEU A 39 0.83 9.07 12.96
N ILE A 40 1.81 8.20 12.73
CA ILE A 40 2.33 7.32 13.79
C ILE A 40 2.82 8.13 15.01
N PHE A 41 3.61 9.21 14.79
CA PHE A 41 4.13 10.05 15.86
C PHE A 41 3.03 10.90 16.47
N TYR A 42 2.07 11.38 15.65
CA TYR A 42 0.92 12.14 16.16
C TYR A 42 0.07 11.28 17.14
N MET A 43 -0.01 9.97 16.89
CA MET A 43 -0.80 9.08 17.72
C MET A 43 -0.17 8.78 19.07
N TYR A 44 1.08 8.28 19.11
CA TYR A 44 1.68 7.87 20.39
C TYR A 44 2.48 8.98 21.10
N PHE A 45 2.77 10.14 20.48
CA PHE A 45 3.44 11.23 21.21
C PHE A 45 2.49 11.75 22.29
N ALA A 46 3.04 12.24 23.42
CA ALA A 46 2.22 12.71 24.55
C ALA A 46 1.35 13.91 24.22
N ILE A 47 0.32 14.14 25.04
CA ILE A 47 -0.60 15.28 24.90
C ILE A 47 0.21 16.60 25.03
N HIS A 48 1.20 16.65 25.95
CA HIS A 48 2.05 17.83 26.15
C HIS A 48 2.97 18.07 24.93
N GLN A 49 3.16 17.05 24.06
CA GLN A 49 3.91 17.19 22.82
C GLN A 49 2.98 17.31 21.61
N ASN A 50 1.70 17.73 21.83
CA ASN A 50 0.66 17.89 20.80
C ASN A 50 0.24 16.58 20.09
N GLY A 51 0.56 15.42 20.66
CA GLY A 51 0.12 14.14 20.13
C GLY A 51 -1.20 13.74 20.78
N LEU A 52 -1.67 12.51 20.54
CA LEU A 52 -2.92 12.01 21.12
C LEU A 52 -2.70 11.18 22.41
N GLY A 53 -1.44 10.84 22.71
CA GLY A 53 -1.10 10.05 23.89
C GLY A 53 -1.61 8.63 23.87
N ILE A 54 -1.79 8.02 22.68
CA ILE A 54 -2.30 6.65 22.56
C ILE A 54 -1.16 5.67 22.93
N ASP A 55 -1.51 4.53 23.52
CA ASP A 55 -0.55 3.46 23.88
C ASP A 55 0.23 3.04 22.61
N LYS A 56 1.57 2.90 22.73
CA LYS A 56 2.46 2.55 21.62
C LYS A 56 1.95 1.39 20.74
N THR A 57 1.56 0.25 21.37
CA THR A 57 1.04 -0.92 20.64
C THR A 57 -0.27 -0.63 19.90
N THR A 58 -1.17 0.21 20.48
CA THR A 58 -2.44 0.56 19.82
C THR A 58 -2.15 1.45 18.60
N ALA A 59 -1.20 2.42 18.71
CA ALA A 59 -0.80 3.28 17.59
C ALA A 59 -0.21 2.45 16.44
N MET A 60 0.65 1.47 16.78
CA MET A 60 1.26 0.56 15.81
C MET A 60 0.18 -0.29 15.15
N SER A 61 -0.83 -0.75 15.92
CA SER A 61 -1.93 -1.56 15.40
C SER A 61 -2.84 -0.74 14.46
N ILE A 62 -3.18 0.52 14.83
CA ILE A 62 -3.99 1.41 13.99
C ILE A 62 -3.30 1.63 12.64
N MET A 63 -1.98 1.85 12.62
CA MET A 63 -1.21 2.06 11.37
C MET A 63 -1.37 0.86 10.41
N SER A 64 -1.13 -0.36 10.91
CA SER A 64 -1.24 -1.56 10.09
C SER A 64 -2.66 -1.86 9.63
N VAL A 65 -3.67 -1.64 10.50
CA VAL A 65 -5.09 -1.89 10.17
C VAL A 65 -5.60 -0.84 9.15
N TYR A 66 -5.14 0.42 9.28
CA TYR A 66 -5.47 1.51 8.35
C TYR A 66 -4.96 1.17 6.93
N GLY A 67 -3.70 0.73 6.83
CA GLY A 67 -3.08 0.29 5.58
C GLY A 67 -3.76 -0.91 4.95
N ALA A 68 -4.24 -1.86 5.76
CA ALA A 68 -4.96 -3.04 5.24
C ALA A 68 -6.27 -2.61 4.60
N LEU A 69 -7.07 -1.78 5.29
CA LEU A 69 -8.36 -1.32 4.78
C LEU A 69 -8.27 -0.47 3.50
N ILE A 70 -7.14 0.25 3.28
CA ILE A 70 -6.94 1.04 2.05
C ILE A 70 -6.82 0.11 0.83
N TYR A 71 -6.12 -1.04 0.97
CA TYR A 71 -5.92 -2.01 -0.11
C TYR A 71 -7.18 -2.84 -0.29
N MET A 72 -7.88 -3.19 0.80
CA MET A 72 -9.14 -3.95 0.71
C MET A 72 -10.22 -3.10 0.06
N SER A 73 -10.26 -1.76 0.33
CA SER A 73 -11.27 -0.86 -0.26
C SER A 73 -11.13 -0.70 -1.81
N SER A 74 -10.01 -1.14 -2.41
CA SER A 74 -9.82 -1.15 -3.88
C SER A 74 -10.79 -2.13 -4.53
N ILE A 75 -11.06 -3.27 -3.85
CA ILE A 75 -11.95 -4.32 -4.33
C ILE A 75 -13.40 -3.77 -4.54
N PRO A 76 -14.13 -3.29 -3.51
CA PRO A 76 -15.45 -2.70 -3.78
C PRO A 76 -15.39 -1.37 -4.56
N GLY A 77 -14.26 -0.67 -4.49
CA GLY A 77 -14.05 0.57 -5.21
C GLY A 77 -13.95 0.38 -6.71
N ALA A 78 -13.28 -0.69 -7.17
CA ALA A 78 -13.20 -1.01 -8.60
C ALA A 78 -14.58 -1.45 -9.09
N TRP A 79 -15.34 -2.18 -8.23
CA TRP A 79 -16.69 -2.65 -8.54
C TRP A 79 -17.67 -1.49 -8.79
N ILE A 80 -17.63 -0.46 -7.92
CA ILE A 80 -18.50 0.72 -8.03
C ILE A 80 -18.24 1.44 -9.35
N ALA A 81 -16.97 1.54 -9.78
CA ALA A 81 -16.63 2.15 -11.07
C ALA A 81 -17.09 1.25 -12.24
N ASP A 82 -16.84 -0.05 -12.14
CA ASP A 82 -17.20 -1.04 -13.17
C ASP A 82 -18.71 -1.14 -13.38
N ARG A 83 -19.50 -1.09 -12.29
CA ARG A 83 -20.95 -1.28 -12.38
C ARG A 83 -21.86 -0.07 -12.08
N ILE A 84 -21.37 1.05 -11.47
CA ILE A 84 -22.25 2.19 -11.15
C ILE A 84 -21.79 3.53 -11.75
N THR A 85 -20.62 4.06 -11.34
CA THR A 85 -20.17 5.41 -11.74
C THR A 85 -19.30 5.57 -13.00
N GLY A 86 -18.51 4.56 -13.32
CA GLY A 86 -17.47 4.66 -14.34
C GLY A 86 -16.20 5.04 -13.59
N THR A 87 -15.04 4.97 -14.25
CA THR A 87 -13.76 5.27 -13.59
C THR A 87 -13.55 6.78 -13.33
N ARG A 88 -14.10 7.68 -14.16
CA ARG A 88 -13.93 9.13 -13.98
C ARG A 88 -14.65 9.68 -12.76
N GLY A 89 -15.90 9.24 -12.56
CA GLY A 89 -16.73 9.64 -11.43
C GLY A 89 -16.19 9.15 -10.10
N ALA A 90 -15.69 7.90 -10.06
CA ALA A 90 -15.10 7.31 -8.87
C ALA A 90 -13.81 8.06 -8.46
N THR A 91 -12.97 8.43 -9.46
CA THR A 91 -11.73 9.19 -9.22
C THR A 91 -12.04 10.56 -8.59
N LEU A 92 -12.94 11.32 -9.23
CA LEU A 92 -13.35 12.64 -8.75
C LEU A 92 -14.00 12.55 -7.36
N LEU A 93 -14.95 11.61 -7.16
CA LEU A 93 -15.61 11.43 -5.85
C LEU A 93 -14.59 11.01 -4.79
N GLY A 94 -13.75 10.02 -5.12
CA GLY A 94 -12.71 9.54 -4.22
C GLY A 94 -11.74 10.63 -3.82
N ALA A 95 -11.33 11.48 -4.80
CA ALA A 95 -10.43 12.61 -4.51
C ALA A 95 -11.05 13.60 -3.53
N VAL A 96 -12.37 13.92 -3.66
CA VAL A 96 -13.08 14.84 -2.77
C VAL A 96 -13.13 14.28 -1.33
N LEU A 97 -13.40 12.96 -1.20
CA LEU A 97 -13.44 12.31 0.11
C LEU A 97 -12.06 12.32 0.76
N ILE A 98 -10.98 12.10 -0.01
CA ILE A 98 -9.61 12.14 0.53
C ILE A 98 -9.33 13.55 1.07
N ILE A 99 -9.78 14.63 0.38
CA ILE A 99 -9.58 16.01 0.86
C ILE A 99 -10.25 16.22 2.23
N ILE A 100 -11.49 15.69 2.40
CA ILE A 100 -12.26 15.83 3.65
C ILE A 100 -11.52 15.16 4.80
N GLY A 101 -11.01 13.95 4.56
CA GLY A 101 -10.25 13.21 5.55
C GLY A 101 -8.98 13.90 6.02
N HIS A 102 -8.28 14.63 5.14
CA HIS A 102 -7.08 15.38 5.54
C HIS A 102 -7.48 16.60 6.41
N ILE A 103 -8.60 17.28 6.05
CA ILE A 103 -9.14 18.42 6.79
C ILE A 103 -9.58 17.97 8.20
N CYS A 104 -10.09 16.73 8.34
CA CYS A 104 -10.48 16.16 9.64
C CYS A 104 -9.29 16.17 10.61
N LEU A 105 -8.08 15.83 10.13
CA LEU A 105 -6.87 15.81 10.95
C LEU A 105 -6.32 17.22 11.26
N SER A 106 -6.61 18.23 10.42
CA SER A 106 -6.18 19.62 10.66
C SER A 106 -6.98 20.28 11.80
N LEU A 107 -8.23 19.83 12.02
CA LEU A 107 -9.13 20.38 13.05
C LEU A 107 -8.82 19.81 14.46
N PRO A 108 -9.13 20.54 15.55
CA PRO A 108 -8.83 20.02 16.90
C PRO A 108 -9.92 19.07 17.42
N PHE A 109 -10.09 17.92 16.74
CA PHE A 109 -11.11 16.93 17.08
C PHE A 109 -10.55 15.67 17.77
N ALA A 110 -9.27 15.68 18.20
CA ALA A 110 -8.62 14.57 18.90
C ALA A 110 -8.94 13.17 18.30
N LEU A 111 -9.61 12.23 19.03
CA LEU A 111 -9.91 10.89 18.52
C LEU A 111 -11.03 10.88 17.50
N PHE A 112 -12.04 11.77 17.63
CA PHE A 112 -13.10 11.87 16.60
C PHE A 112 -12.47 12.27 15.24
N GLY A 113 -11.48 13.16 15.28
CA GLY A 113 -10.74 13.64 14.12
C GLY A 113 -9.91 12.56 13.48
N LEU A 114 -9.29 11.69 14.30
CA LEU A 114 -8.47 10.60 13.79
C LEU A 114 -9.31 9.55 13.05
N PHE A 115 -10.35 9.01 13.69
CA PHE A 115 -11.17 7.96 13.10
C PHE A 115 -12.04 8.45 11.94
N SER A 116 -12.56 9.70 12.00
CA SER A 116 -13.33 10.23 10.88
C SER A 116 -12.39 10.47 9.67
N SER A 117 -11.11 10.85 9.92
CA SER A 117 -10.08 11.02 8.88
C SER A 117 -9.81 9.70 8.18
N MET A 118 -9.55 8.64 8.96
CA MET A 118 -9.31 7.29 8.42
C MET A 118 -10.53 6.82 7.60
N PHE A 119 -11.75 7.06 8.12
CA PHE A 119 -12.99 6.68 7.45
C PHE A 119 -13.08 7.28 6.03
N PHE A 120 -12.82 8.59 5.91
CA PHE A 120 -12.90 9.28 4.62
C PHE A 120 -11.77 8.90 3.66
N ILE A 121 -10.56 8.71 4.18
CA ILE A 121 -9.42 8.33 3.33
C ILE A 121 -9.53 6.85 2.91
N ILE A 122 -10.09 5.95 3.74
CA ILE A 122 -10.26 4.54 3.36
C ILE A 122 -11.23 4.44 2.15
N ILE A 123 -12.40 5.08 2.25
CA ILE A 123 -13.42 5.05 1.20
C ILE A 123 -12.96 5.77 -0.06
N GLY A 124 -12.35 6.94 0.11
CA GLY A 124 -11.86 7.76 -0.99
C GLY A 124 -10.73 7.09 -1.76
N SER A 125 -9.79 6.45 -1.04
CA SER A 125 -8.67 5.69 -1.65
C SER A 125 -9.18 4.50 -2.45
N GLY A 126 -10.17 3.78 -1.89
CA GLY A 126 -10.82 2.67 -2.57
C GLY A 126 -11.41 3.06 -3.90
N LEU A 127 -12.10 4.21 -3.95
CA LEU A 127 -12.71 4.74 -5.18
C LEU A 127 -11.67 5.34 -6.16
N MET A 128 -10.57 5.96 -5.64
CA MET A 128 -9.59 6.61 -6.51
C MET A 128 -8.46 5.69 -6.99
N LYS A 129 -7.73 5.02 -6.07
CA LYS A 129 -6.53 4.19 -6.38
C LYS A 129 -6.66 3.22 -7.59
N PRO A 130 -7.62 2.28 -7.60
CA PRO A 130 -7.70 1.35 -8.75
C PRO A 130 -8.22 1.98 -10.05
N ASN A 131 -9.02 3.05 -9.95
CA ASN A 131 -9.69 3.67 -11.09
C ASN A 131 -8.86 4.73 -11.80
N ILE A 132 -7.97 5.45 -11.08
CA ILE A 132 -7.05 6.40 -11.74
C ILE A 132 -6.07 5.58 -12.61
N SER A 133 -5.61 4.43 -12.11
CA SER A 133 -4.71 3.48 -12.78
C SER A 133 -5.39 2.86 -14.02
N ASN A 134 -6.70 2.59 -13.92
CA ASN A 134 -7.49 2.03 -15.02
C ASN A 134 -7.54 3.04 -16.19
N ILE A 135 -7.78 4.35 -15.87
CA ILE A 135 -7.84 5.42 -16.89
C ILE A 135 -6.50 5.52 -17.63
N VAL A 136 -5.36 5.39 -16.93
CA VAL A 136 -4.02 5.44 -17.55
C VAL A 136 -3.87 4.38 -18.65
N GLY A 137 -4.31 3.15 -18.39
CA GLY A 137 -4.25 2.07 -19.36
C GLY A 137 -5.19 2.25 -20.53
N ARG A 138 -6.40 2.79 -20.27
CA ARG A 138 -7.40 3.05 -21.30
C ARG A 138 -7.06 4.21 -22.24
N LEU A 139 -6.02 5.00 -21.94
CA LEU A 139 -5.55 6.08 -22.83
C LEU A 139 -4.82 5.50 -24.06
N TYR A 140 -4.39 4.22 -23.99
CA TYR A 140 -3.66 3.54 -25.07
C TYR A 140 -4.56 2.61 -25.89
N PRO A 141 -4.50 2.67 -27.25
CA PRO A 141 -5.27 1.72 -28.07
C PRO A 141 -4.88 0.25 -27.81
N GLU A 142 -5.65 -0.71 -28.34
CA GLU A 142 -5.44 -2.15 -28.09
C GLU A 142 -4.02 -2.67 -28.33
N ASN A 143 -3.42 -2.37 -29.49
CA ASN A 143 -2.09 -2.87 -29.88
C ASN A 143 -0.93 -1.86 -29.72
N ASP A 144 -1.08 -0.86 -28.85
CA ASP A 144 -0.05 0.15 -28.61
C ASP A 144 0.95 -0.38 -27.57
N THR A 145 2.22 -0.52 -27.98
CA THR A 145 3.31 -1.00 -27.13
C THR A 145 3.87 0.01 -26.13
N ARG A 146 3.40 1.28 -26.13
CA ARG A 146 3.87 2.29 -25.17
C ARG A 146 3.28 2.10 -23.76
N ILE A 147 2.17 1.36 -23.63
CA ILE A 147 1.46 1.15 -22.36
C ILE A 147 2.40 0.79 -21.15
N ASP A 148 3.36 -0.12 -21.33
CA ASP A 148 4.26 -0.53 -20.23
C ASP A 148 5.12 0.65 -19.77
N ALA A 149 5.71 1.41 -20.71
CA ALA A 149 6.50 2.59 -20.38
C ALA A 149 5.65 3.70 -19.73
N GLY A 150 4.37 3.80 -20.13
CA GLY A 150 3.41 4.76 -19.59
C GLY A 150 3.16 4.56 -18.10
N PHE A 151 3.01 3.29 -17.68
CA PHE A 151 2.85 2.95 -16.26
C PHE A 151 4.17 3.15 -15.49
N VAL A 152 5.34 2.92 -16.13
CA VAL A 152 6.64 3.17 -15.50
C VAL A 152 6.71 4.67 -15.14
N ILE A 153 6.25 5.55 -16.07
CA ILE A 153 6.18 6.99 -15.82
C ILE A 153 5.10 7.26 -14.75
N PHE A 154 3.92 6.63 -14.85
CA PHE A 154 2.86 6.84 -13.86
C PHE A 154 3.30 6.51 -12.42
N TYR A 155 3.99 5.38 -12.21
CA TYR A 155 4.44 4.98 -10.88
C TYR A 155 5.68 5.73 -10.38
N MET A 156 6.30 6.58 -11.23
CA MET A 156 7.38 7.47 -10.80
C MET A 156 6.75 8.56 -9.92
N SER A 157 5.56 9.08 -10.32
CA SER A 157 4.84 10.09 -9.55
C SER A 157 4.52 9.61 -8.14
N VAL A 158 4.21 8.30 -8.00
CA VAL A 158 3.92 7.65 -6.72
C VAL A 158 5.17 7.70 -5.82
N ASN A 159 6.33 7.28 -6.35
CA ASN A 159 7.57 7.28 -5.57
C ASN A 159 8.14 8.68 -5.36
N LEU A 160 7.88 9.64 -6.27
CA LEU A 160 8.35 11.02 -6.11
C LEU A 160 7.62 11.73 -4.95
N GLY A 161 6.32 11.54 -4.84
CA GLY A 161 5.52 12.10 -3.76
C GLY A 161 5.86 11.48 -2.41
N ALA A 162 6.06 10.14 -2.40
CA ALA A 162 6.47 9.36 -1.23
C ALA A 162 7.86 9.77 -0.69
N LEU A 163 8.77 10.22 -1.58
CA LEU A 163 10.13 10.66 -1.26
C LEU A 163 10.14 12.07 -0.69
N ILE A 164 9.42 13.00 -1.34
CA ILE A 164 9.46 14.43 -1.00
C ILE A 164 8.62 14.80 0.24
N SER A 165 7.42 14.22 0.44
CA SER A 165 6.56 14.62 1.56
C SER A 165 7.15 14.37 2.98
N PRO A 166 7.84 13.25 3.30
CA PRO A 166 8.44 13.12 4.65
C PRO A 166 9.57 14.14 4.89
N ILE A 167 10.31 14.53 3.84
CA ILE A 167 11.39 15.52 3.91
C ILE A 167 10.79 16.89 4.28
N ILE A 168 9.67 17.26 3.64
CA ILE A 168 8.99 18.54 3.89
C ILE A 168 8.30 18.56 5.26
N LEU A 169 7.62 17.47 5.62
CA LEU A 169 6.89 17.41 6.88
C LEU A 169 7.74 17.13 8.11
N GLN A 170 9.03 16.77 7.98
CA GLN A 170 9.91 16.56 9.14
C GLN A 170 9.95 17.80 10.05
N HIS A 171 9.87 19.01 9.45
CA HIS A 171 9.83 20.29 10.17
C HIS A 171 8.62 20.37 11.12
N PHE A 172 7.44 19.97 10.63
CA PHE A 172 6.19 20.01 11.41
C PHE A 172 6.20 19.01 12.58
N VAL A 173 6.92 17.88 12.43
CA VAL A 173 7.11 16.91 13.50
C VAL A 173 8.04 17.56 14.54
N ASP A 174 9.18 18.17 14.09
CA ASP A 174 10.17 18.82 14.95
C ASP A 174 9.57 19.91 15.83
N ILE A 175 8.76 20.81 15.27
CA ILE A 175 8.13 21.89 16.06
C ILE A 175 6.83 21.44 16.75
N ARG A 176 6.41 20.17 16.54
CA ARG A 176 5.21 19.56 17.13
C ARG A 176 3.92 20.24 16.63
N ASN A 177 3.92 20.70 15.36
CA ASN A 177 2.76 21.35 14.75
C ASN A 177 2.11 20.34 13.80
N PHE A 178 1.43 19.35 14.40
CA PHE A 178 0.80 18.25 13.64
C PHE A 178 -0.35 18.76 12.77
N HIS A 179 -1.20 19.63 13.34
CA HIS A 179 -2.33 20.22 12.63
C HIS A 179 -1.87 21.05 11.42
N GLY A 180 -0.78 21.79 11.57
CA GLY A 180 -0.19 22.58 10.49
C GLY A 180 0.29 21.72 9.34
N GLY A 181 1.02 20.64 9.67
CA GLY A 181 1.52 19.68 8.70
C GLY A 181 0.42 18.92 7.99
N PHE A 182 -0.68 18.57 8.71
CA PHE A 182 -1.82 17.88 8.11
C PHE A 182 -2.60 18.84 7.17
N LEU A 183 -2.60 20.16 7.46
CA LEU A 183 -3.21 21.17 6.59
C LEU A 183 -2.39 21.29 5.28
N LEU A 184 -1.04 21.19 5.36
CA LEU A 184 -0.16 21.22 4.19
C LEU A 184 -0.50 20.06 3.26
N ALA A 185 -0.73 18.86 3.83
CA ALA A 185 -1.11 17.70 3.05
C ALA A 185 -2.49 17.93 2.39
N ALA A 186 -3.46 18.53 3.12
CA ALA A 186 -4.79 18.86 2.57
C ALA A 186 -4.70 19.84 1.40
N ILE A 187 -3.81 20.85 1.51
CA ILE A 187 -3.56 21.83 0.45
C ILE A 187 -2.87 21.14 -0.74
N GLY A 188 -1.94 20.21 -0.45
CA GLY A 188 -1.27 19.41 -1.48
C GLY A 188 -2.28 18.62 -2.30
N MET A 189 -3.22 17.95 -1.62
CA MET A 189 -4.27 17.19 -2.31
C MET A 189 -5.19 18.14 -3.11
N ALA A 190 -5.48 19.36 -2.58
CA ALA A 190 -6.31 20.33 -3.28
C ALA A 190 -5.70 20.75 -4.63
N LEU A 191 -4.34 20.85 -4.74
CA LEU A 191 -3.65 21.16 -6.01
C LEU A 191 -3.96 20.09 -7.07
N GLY A 192 -3.86 18.81 -6.67
CA GLY A 192 -4.16 17.67 -7.52
C GLY A 192 -5.60 17.66 -8.01
N LEU A 193 -6.57 18.01 -7.14
CA LEU A 193 -7.98 18.06 -7.52
C LEU A 193 -8.27 19.23 -8.48
N VAL A 194 -7.72 20.43 -8.22
CA VAL A 194 -7.91 21.58 -9.09
C VAL A 194 -7.33 21.32 -10.50
N TRP A 195 -6.17 20.63 -10.58
CA TRP A 195 -5.52 20.32 -11.86
C TRP A 195 -6.38 19.33 -12.68
N TYR A 196 -7.01 18.34 -12.03
CA TYR A 196 -7.91 17.40 -12.71
C TYR A 196 -9.12 18.18 -13.23
N LEU A 197 -9.75 18.99 -12.36
CA LEU A 197 -10.92 19.79 -12.77
C LEU A 197 -10.61 20.74 -13.93
N LEU A 198 -9.37 21.28 -14.00
CA LEU A 198 -8.98 22.20 -15.08
C LEU A 198 -8.65 21.51 -16.40
N PHE A 199 -8.02 20.31 -16.37
CA PHE A 199 -7.53 19.68 -17.61
C PHE A 199 -8.04 18.26 -17.91
N ASN A 200 -9.02 17.70 -17.15
CA ASN A 200 -9.48 16.35 -17.47
C ASN A 200 -10.32 16.22 -18.75
N ARG A 201 -11.18 17.19 -19.08
CA ARG A 201 -12.08 17.05 -20.24
C ARG A 201 -11.37 17.04 -21.61
N LYS A 202 -10.43 17.96 -21.84
CA LYS A 202 -9.72 18.02 -23.13
C LYS A 202 -8.66 16.92 -23.31
N ASN A 203 -8.11 16.35 -22.22
CA ASN A 203 -7.05 15.34 -22.29
C ASN A 203 -7.52 13.90 -22.09
N LEU A 204 -8.61 13.67 -21.34
CA LEU A 204 -9.14 12.32 -21.08
C LEU A 204 -10.39 12.00 -21.90
N GLY A 205 -10.99 13.02 -22.56
CA GLY A 205 -12.16 12.83 -23.43
C GLY A 205 -13.27 12.01 -22.81
N SER A 206 -13.78 11.01 -23.56
CA SER A 206 -14.86 10.13 -23.08
C SER A 206 -14.34 8.89 -22.31
N VAL A 207 -13.01 8.75 -22.10
CA VAL A 207 -12.45 7.59 -21.39
C VAL A 207 -12.95 7.58 -19.94
N GLY A 208 -13.68 6.52 -19.58
CA GLY A 208 -14.17 6.32 -18.22
C GLY A 208 -15.37 7.15 -17.80
N MET A 209 -16.12 7.71 -18.76
CA MET A 209 -17.31 8.52 -18.45
C MET A 209 -18.57 7.71 -18.10
N LYS A 210 -18.55 6.36 -18.28
CA LYS A 210 -19.71 5.51 -17.98
C LYS A 210 -19.24 4.12 -17.53
N PRO A 211 -20.04 3.38 -16.71
CA PRO A 211 -19.61 2.03 -16.29
C PRO A 211 -19.61 1.04 -17.46
N THR A 212 -18.69 0.05 -17.41
CA THR A 212 -18.59 -0.98 -18.46
C THR A 212 -19.73 -1.99 -18.33
N ASN A 213 -20.02 -2.46 -17.09
CA ASN A 213 -21.07 -3.45 -16.80
C ASN A 213 -22.16 -2.82 -15.93
N PRO A 214 -23.00 -1.92 -16.49
CA PRO A 214 -24.02 -1.26 -15.65
C PRO A 214 -25.03 -2.23 -15.01
N LEU A 215 -25.51 -1.88 -13.81
CA LEU A 215 -26.48 -2.71 -13.09
C LEU A 215 -27.84 -2.55 -13.73
N SER A 216 -28.59 -3.65 -13.83
CA SER A 216 -29.97 -3.64 -14.33
C SER A 216 -30.88 -3.20 -13.19
N LYS A 217 -32.16 -2.91 -13.48
CA LYS A 217 -33.13 -2.45 -12.47
C LYS A 217 -33.26 -3.41 -11.27
N GLU A 218 -33.34 -4.72 -11.54
CA GLU A 218 -33.41 -5.77 -10.50
C GLU A 218 -32.13 -5.80 -9.66
N GLU A 219 -30.96 -5.65 -10.31
CA GLU A 219 -29.67 -5.65 -9.61
C GLU A 219 -29.54 -4.44 -8.68
N LYS A 220 -30.10 -3.27 -9.06
CA LYS A 220 -30.06 -2.08 -8.18
C LYS A 220 -30.86 -2.36 -6.89
N ARG A 221 -31.97 -3.11 -6.99
CA ARG A 221 -32.78 -3.49 -5.82
C ARG A 221 -32.05 -4.56 -4.99
N LYS A 222 -31.60 -5.65 -5.64
CA LYS A 222 -30.88 -6.75 -4.99
C LYS A 222 -29.63 -6.28 -4.22
N TYR A 223 -28.63 -5.73 -4.93
CA TYR A 223 -27.38 -5.23 -4.32
C TYR A 223 -27.63 -4.11 -3.29
N GLY A 224 -28.68 -3.32 -3.50
CA GLY A 224 -29.07 -2.25 -2.59
C GLY A 224 -29.50 -2.77 -1.23
N MET A 225 -30.32 -3.84 -1.20
CA MET A 225 -30.75 -4.44 0.05
C MET A 225 -29.59 -5.11 0.77
N ILE A 226 -28.74 -5.88 0.03
CA ILE A 226 -27.59 -6.60 0.62
C ILE A 226 -26.58 -5.61 1.22
N ILE A 227 -26.20 -4.58 0.45
CA ILE A 227 -25.27 -3.55 0.92
C ILE A 227 -25.93 -2.75 2.06
N GLY A 228 -27.20 -2.36 1.86
CA GLY A 228 -27.97 -1.63 2.86
C GLY A 228 -28.02 -2.33 4.20
N ILE A 229 -28.24 -3.66 4.18
CA ILE A 229 -28.28 -4.48 5.40
C ILE A 229 -26.87 -4.60 6.03
N ILE A 230 -25.80 -4.72 5.22
CA ILE A 230 -24.43 -4.81 5.76
C ILE A 230 -24.03 -3.47 6.42
N VAL A 231 -24.35 -2.33 5.78
CA VAL A 231 -24.06 -0.99 6.32
C VAL A 231 -24.89 -0.77 7.62
N ALA A 232 -26.13 -1.32 7.67
CA ALA A 232 -26.99 -1.21 8.84
C ALA A 232 -26.47 -2.03 10.03
N ILE A 233 -25.94 -3.26 9.79
CA ILE A 233 -25.40 -4.12 10.85
C ILE A 233 -24.11 -3.51 11.47
N VAL A 234 -23.22 -2.94 10.64
CA VAL A 234 -21.98 -2.33 11.11
C VAL A 234 -22.27 -1.08 11.96
N ILE A 235 -23.23 -0.23 11.53
CA ILE A 235 -23.61 1.00 12.26
C ILE A 235 -24.16 0.68 13.67
N VAL A 236 -25.10 -0.28 13.78
CA VAL A 236 -25.69 -0.63 15.08
C VAL A 236 -24.66 -1.29 16.01
N VAL A 237 -23.87 -2.25 15.50
CA VAL A 237 -22.84 -2.93 16.31
C VAL A 237 -21.82 -1.93 16.88
N LEU A 238 -21.43 -0.91 16.10
CA LEU A 238 -20.50 0.13 16.58
C LEU A 238 -21.20 1.09 17.56
N LEU A 239 -22.50 1.41 17.33
CA LEU A 239 -23.25 2.31 18.21
C LEU A 239 -23.58 1.66 19.56
N VAL A 240 -24.08 0.40 19.56
CA VAL A 240 -24.41 -0.29 20.83
C VAL A 240 -23.16 -0.50 21.68
N THR A 241 -22.01 -0.83 21.07
CA THR A 241 -20.76 -1.01 21.81
C THR A 241 -20.20 0.33 22.32
N TYR A 242 -20.45 1.45 21.61
CA TYR A 242 -19.95 2.77 22.02
C TYR A 242 -20.64 3.28 23.28
N TYR A 243 -21.99 3.35 23.25
CA TYR A 243 -22.77 3.87 24.38
C TYR A 243 -22.78 2.95 25.61
N THR A 244 -22.48 1.64 25.46
CA THR A 244 -22.38 0.73 26.61
C THR A 244 -20.94 0.71 27.19
N HIS A 245 -19.98 1.42 26.53
CA HIS A 245 -18.58 1.53 26.93
C HIS A 245 -17.85 0.18 26.90
N THR A 246 -17.94 -0.50 25.75
CA THR A 246 -17.24 -1.76 25.48
C THR A 246 -16.60 -1.78 24.07
N LEU A 247 -16.48 -0.61 23.40
CA LEU A 247 -15.89 -0.51 22.07
C LEU A 247 -14.42 -0.17 22.22
N SER A 248 -13.54 -1.04 21.72
CA SER A 248 -12.10 -0.84 21.71
C SER A 248 -11.62 -1.03 20.29
N PHE A 249 -10.34 -0.68 20.01
CA PHE A 249 -9.79 -0.89 18.66
C PHE A 249 -9.62 -2.39 18.37
N ASP A 250 -9.55 -3.26 19.42
CA ASP A 250 -9.47 -4.71 19.26
C ASP A 250 -10.63 -5.25 18.41
N LEU A 251 -11.82 -4.60 18.43
CA LEU A 251 -12.95 -5.01 17.60
C LEU A 251 -12.63 -4.82 16.11
N ILE A 252 -12.04 -3.67 15.76
CA ILE A 252 -11.68 -3.30 14.39
C ILE A 252 -10.52 -4.18 13.89
N SER A 253 -9.46 -4.34 14.71
CA SER A 253 -8.29 -5.13 14.32
C SER A 253 -8.60 -6.63 14.17
N ASN A 254 -9.56 -7.17 14.95
CA ASN A 254 -9.95 -8.59 14.87
C ASN A 254 -10.84 -8.82 13.64
N THR A 255 -11.75 -7.87 13.31
CA THR A 255 -12.61 -7.95 12.13
C THR A 255 -11.73 -7.92 10.86
N VAL A 256 -10.76 -6.98 10.81
CA VAL A 256 -9.86 -6.83 9.67
C VAL A 256 -8.91 -8.04 9.56
N LEU A 257 -8.51 -8.67 10.68
CA LEU A 257 -7.68 -9.89 10.69
C LEU A 257 -8.44 -11.02 10.02
N VAL A 258 -9.77 -11.14 10.31
CA VAL A 258 -10.64 -12.15 9.72
C VAL A 258 -10.76 -11.92 8.20
N LEU A 259 -10.99 -10.64 7.78
CA LEU A 259 -11.06 -10.26 6.36
C LEU A 259 -9.74 -10.55 5.62
N GLY A 260 -8.61 -10.31 6.28
CA GLY A 260 -7.29 -10.55 5.72
C GLY A 260 -7.01 -12.00 5.40
N VAL A 261 -7.54 -12.93 6.21
CA VAL A 261 -7.37 -14.37 6.00
C VAL A 261 -8.54 -14.95 5.18
N ALA A 262 -9.76 -14.42 5.30
CA ALA A 262 -10.92 -14.92 4.57
C ALA A 262 -10.94 -14.53 3.08
N LEU A 263 -10.53 -13.28 2.74
CA LEU A 263 -10.54 -12.80 1.35
C LEU A 263 -9.65 -13.62 0.40
N PRO A 264 -8.35 -13.89 0.69
CA PRO A 264 -7.57 -14.74 -0.21
C PRO A 264 -8.16 -16.15 -0.40
N ILE A 265 -8.78 -16.72 0.65
CA ILE A 265 -9.42 -18.04 0.57
C ILE A 265 -10.60 -18.00 -0.41
N ILE A 266 -11.46 -16.98 -0.32
CA ILE A 266 -12.62 -16.82 -1.20
C ILE A 266 -12.19 -16.70 -2.68
N TYR A 267 -11.17 -15.89 -2.97
CA TYR A 267 -10.67 -15.67 -4.34
C TYR A 267 -10.04 -16.92 -4.96
N PHE A 268 -9.10 -17.57 -4.24
CA PHE A 268 -8.44 -18.78 -4.75
C PHE A 268 -9.45 -19.89 -4.99
N THR A 269 -10.34 -20.15 -4.01
CA THR A 269 -11.37 -21.19 -4.10
C THR A 269 -12.33 -20.97 -5.27
N THR A 270 -12.70 -19.71 -5.57
CA THR A 270 -13.59 -19.39 -6.70
C THR A 270 -12.89 -19.74 -8.02
N MET A 271 -11.64 -19.28 -8.21
CA MET A 271 -10.86 -19.57 -9.42
C MET A 271 -10.61 -21.08 -9.64
N LEU A 272 -10.38 -21.85 -8.56
CA LEU A 272 -10.14 -23.29 -8.68
C LEU A 272 -11.45 -24.06 -8.92
N ARG A 273 -12.54 -23.69 -8.22
CA ARG A 273 -13.85 -24.35 -8.40
C ARG A 273 -14.64 -23.90 -9.66
N SER A 274 -14.17 -22.88 -10.40
CA SER A 274 -14.89 -22.40 -11.59
C SER A 274 -14.82 -23.38 -12.75
N LYS A 275 -15.82 -23.30 -13.65
CA LYS A 275 -15.93 -24.12 -14.86
C LYS A 275 -15.43 -23.35 -16.09
N ASP A 276 -15.08 -22.05 -15.92
CA ASP A 276 -14.55 -21.19 -16.98
C ASP A 276 -13.02 -20.98 -16.82
N VAL A 277 -12.33 -21.98 -16.23
CA VAL A 277 -10.88 -21.98 -15.99
C VAL A 277 -10.35 -23.34 -16.50
N THR A 278 -9.42 -23.33 -17.47
CA THR A 278 -8.87 -24.56 -18.07
C THR A 278 -7.91 -25.28 -17.12
N ASP A 279 -7.56 -26.54 -17.42
CA ASP A 279 -6.63 -27.32 -16.60
C ASP A 279 -5.24 -26.68 -16.53
N GLY A 280 -4.82 -26.05 -17.62
CA GLY A 280 -3.56 -25.33 -17.68
C GLY A 280 -3.61 -24.09 -16.80
N GLU A 281 -4.73 -23.35 -16.87
CA GLU A 281 -4.94 -22.15 -16.05
C GLU A 281 -5.10 -22.49 -14.56
N ARG A 282 -5.77 -23.63 -14.25
CA ARG A 282 -5.99 -24.08 -12.86
C ARG A 282 -4.67 -24.45 -12.19
N SER A 283 -3.71 -25.00 -12.96
CA SER A 283 -2.38 -25.34 -12.44
C SER A 283 -1.58 -24.08 -12.08
N ARG A 284 -1.73 -22.99 -12.87
CA ARG A 284 -1.05 -21.72 -12.60
C ARG A 284 -1.63 -21.05 -11.35
N VAL A 285 -2.97 -21.15 -11.15
CA VAL A 285 -3.62 -20.60 -9.95
C VAL A 285 -3.14 -21.39 -8.72
N LYS A 286 -2.96 -22.73 -8.85
CA LYS A 286 -2.41 -23.57 -7.77
C LYS A 286 -0.95 -23.18 -7.49
N ALA A 287 -0.18 -22.85 -8.56
CA ALA A 287 1.23 -22.44 -8.44
C ALA A 287 1.40 -21.03 -7.86
N PHE A 288 0.35 -20.19 -7.81
CA PHE A 288 0.42 -18.86 -7.22
C PHE A 288 0.12 -18.89 -5.70
N ILE A 289 -0.32 -20.06 -5.15
CA ILE A 289 -0.60 -20.17 -3.71
C ILE A 289 0.71 -20.02 -2.91
N PRO A 290 1.80 -20.79 -3.17
CA PRO A 290 3.05 -20.55 -2.42
C PRO A 290 3.67 -19.17 -2.69
N LEU A 291 3.46 -18.61 -3.90
CA LEU A 291 3.95 -17.27 -4.23
C LEU A 291 3.18 -16.23 -3.41
N PHE A 292 1.85 -16.45 -3.19
CA PHE A 292 1.02 -15.56 -2.37
C PHE A 292 1.55 -15.54 -0.92
N ILE A 293 1.94 -16.72 -0.38
CA ILE A 293 2.48 -16.87 0.97
C ILE A 293 3.81 -16.10 1.08
N LEU A 294 4.67 -16.20 0.05
CA LEU A 294 5.96 -15.50 0.02
C LEU A 294 5.76 -13.98 -0.04
N GLY A 295 4.83 -13.54 -0.88
CA GLY A 295 4.49 -12.12 -0.99
C GLY A 295 3.96 -11.57 0.31
N MET A 296 3.13 -12.36 1.03
CA MET A 296 2.57 -11.98 2.32
C MET A 296 3.68 -11.82 3.37
N LEU A 297 4.62 -12.79 3.44
CA LEU A 297 5.77 -12.76 4.34
C LEU A 297 6.66 -11.56 4.02
N PHE A 298 6.81 -11.20 2.73
CA PHE A 298 7.62 -10.06 2.34
C PHE A 298 6.97 -8.76 2.83
N TRP A 299 5.69 -8.52 2.44
CA TRP A 299 4.96 -7.30 2.80
C TRP A 299 4.74 -7.13 4.32
N SER A 300 4.76 -8.24 5.08
CA SER A 300 4.62 -8.16 6.53
C SER A 300 5.78 -7.36 7.13
N ILE A 301 7.02 -7.71 6.76
CA ILE A 301 8.24 -7.07 7.26
C ILE A 301 8.41 -5.68 6.64
N GLN A 302 8.23 -5.55 5.32
CA GLN A 302 8.38 -4.28 4.61
C GLN A 302 7.43 -3.20 5.17
N GLU A 303 6.13 -3.54 5.35
CA GLU A 303 5.14 -2.59 5.88
C GLU A 303 5.35 -2.25 7.36
N GLN A 304 6.08 -3.09 8.11
CA GLN A 304 6.43 -2.80 9.50
C GLN A 304 7.47 -1.66 9.64
N GLY A 305 8.09 -1.25 8.53
CA GLY A 305 8.98 -0.10 8.51
C GLY A 305 8.27 1.22 8.75
N SER A 306 6.92 1.27 8.57
CA SER A 306 6.12 2.48 8.80
C SER A 306 5.62 2.62 10.25
N ASN A 307 5.71 1.55 11.08
CA ASN A 307 5.23 1.61 12.46
C ASN A 307 6.08 0.89 13.53
N VAL A 308 6.98 -0.07 13.18
CA VAL A 308 7.82 -0.81 14.14
C VAL A 308 9.29 -0.36 14.08
N LEU A 309 9.94 -0.50 12.91
CA LEU A 309 11.37 -0.21 12.72
C LEU A 309 11.75 1.25 12.99
N ASN A 310 10.89 2.19 12.54
CA ASN A 310 11.10 3.64 12.75
C ASN A 310 11.04 4.05 14.23
N ILE A 311 10.07 3.50 15.03
CA ILE A 311 9.95 3.80 16.47
C ILE A 311 11.16 3.21 17.21
N TYR A 312 11.57 2.00 16.84
CA TYR A 312 12.75 1.34 17.38
C TYR A 312 14.01 2.18 17.11
N GLY A 313 14.14 2.68 15.89
CA GLY A 313 15.24 3.56 15.52
C GLY A 313 15.21 4.86 16.33
N LEU A 314 14.03 5.47 16.45
CA LEU A 314 13.86 6.70 17.23
C LEU A 314 14.20 6.51 18.72
N GLU A 315 13.81 5.37 19.30
CA GLU A 315 14.01 5.07 20.73
C GLU A 315 15.36 4.43 21.12
N ARG A 316 15.95 3.58 20.25
CA ARG A 316 17.17 2.83 20.58
C ARG A 316 18.46 3.29 19.88
N SER A 317 18.36 3.97 18.73
CA SER A 317 19.57 4.43 18.03
C SER A 317 19.91 5.87 18.44
N ASP A 318 21.06 6.38 17.96
CA ASP A 318 21.49 7.77 18.23
C ASP A 318 20.79 8.81 17.31
N MET A 319 20.05 8.34 16.25
CA MET A 319 19.40 9.20 15.25
C MET A 319 20.38 10.18 14.60
N GLN A 320 21.67 9.77 14.48
CA GLN A 320 22.73 10.59 13.93
C GLN A 320 23.32 9.91 12.71
N LEU A 321 22.92 10.35 11.51
CA LEU A 321 23.44 9.82 10.24
C LEU A 321 24.96 10.11 10.24
N ASN A 322 25.79 9.14 9.85
CA ASN A 322 27.25 9.33 9.86
C ASN A 322 27.92 8.50 8.76
N LEU A 323 28.11 9.09 7.57
CA LEU A 323 28.68 8.40 6.42
C LEU A 323 29.89 9.14 5.84
N PHE A 324 31.10 8.56 5.96
CA PHE A 324 32.35 9.14 5.41
C PHE A 324 32.53 10.64 5.68
N GLY A 325 32.34 11.04 6.93
CA GLY A 325 32.48 12.43 7.34
C GLY A 325 31.21 13.27 7.30
N TRP A 326 30.17 12.81 6.55
CA TRP A 326 28.88 13.50 6.47
C TRP A 326 28.05 13.04 7.65
N THR A 327 27.90 13.91 8.66
CA THR A 327 27.13 13.60 9.85
C THR A 327 26.10 14.70 10.14
N THR A 328 24.86 14.29 10.40
CA THR A 328 23.75 15.20 10.68
C THR A 328 22.64 14.46 11.43
N ARG A 329 21.75 15.21 12.09
CA ARG A 329 20.62 14.61 12.80
C ARG A 329 19.71 13.99 11.74
N PHE A 330 19.26 12.75 11.98
CA PHE A 330 18.38 12.05 11.08
C PHE A 330 16.97 12.18 11.63
N GLY A 331 16.11 12.87 10.90
CA GLY A 331 14.71 13.04 11.28
C GLY A 331 13.93 11.75 11.19
N GLU A 332 13.11 11.45 12.22
CA GLU A 332 12.30 10.23 12.30
C GLU A 332 11.38 10.00 11.07
N ALA A 333 10.82 11.06 10.47
CA ALA A 333 9.95 10.90 9.28
C ALA A 333 10.74 10.48 8.04
N LEU A 334 12.04 10.86 7.97
CA LEU A 334 12.91 10.53 6.82
C LEU A 334 13.20 9.04 6.67
N PHE A 335 12.88 8.19 7.67
CA PHE A 335 12.98 6.73 7.54
C PHE A 335 12.03 6.24 6.41
N GLN A 336 10.90 6.95 6.18
CA GLN A 336 9.91 6.62 5.14
C GLN A 336 10.36 7.04 3.71
N SER A 337 11.47 7.82 3.57
CA SER A 337 11.99 8.26 2.27
C SER A 337 13.03 7.31 1.69
N ILE A 338 13.60 6.39 2.51
CA ILE A 338 14.63 5.44 2.07
C ILE A 338 14.07 4.53 1.01
N ASN A 339 12.92 3.87 1.30
CA ASN A 339 12.30 2.95 0.34
C ASN A 339 11.97 3.62 -1.02
N PRO A 340 11.17 4.72 -1.11
CA PRO A 340 10.91 5.33 -2.42
C PRO A 340 12.15 5.86 -3.15
N LEU A 341 13.18 6.35 -2.42
CA LEU A 341 14.42 6.83 -3.03
C LEU A 341 15.16 5.72 -3.76
N PHE A 342 15.38 4.58 -3.10
CA PHE A 342 16.09 3.44 -3.69
C PHE A 342 15.31 2.82 -4.85
N ILE A 343 13.95 2.90 -4.84
CA ILE A 343 13.15 2.42 -5.96
C ILE A 343 13.41 3.35 -7.17
N LEU A 344 13.40 4.68 -6.97
CA LEU A 344 13.68 5.64 -8.05
C LEU A 344 15.07 5.46 -8.67
N LEU A 345 16.11 5.24 -7.83
CA LEU A 345 17.48 5.07 -8.30
C LEU A 345 17.79 3.69 -8.88
N PHE A 346 17.25 2.60 -8.28
CA PHE A 346 17.62 1.23 -8.68
C PHE A 346 16.53 0.37 -9.37
N ALA A 347 15.30 0.89 -9.63
CA ALA A 347 14.29 0.10 -10.37
C ALA A 347 14.71 -0.11 -11.83
N PRO A 348 15.15 0.93 -12.59
CA PRO A 348 15.59 0.68 -13.97
C PRO A 348 16.92 -0.10 -14.06
N VAL A 349 17.75 -0.10 -12.99
CA VAL A 349 19.02 -0.83 -12.98
C VAL A 349 18.73 -2.34 -12.91
N ILE A 350 17.91 -2.77 -11.93
CA ILE A 350 17.53 -4.18 -11.75
C ILE A 350 16.70 -4.66 -12.97
N SER A 351 15.96 -3.75 -13.63
CA SER A 351 15.20 -4.06 -14.84
C SER A 351 16.15 -4.43 -16.00
N MET A 352 17.32 -3.77 -16.09
CA MET A 352 18.31 -4.07 -17.13
C MET A 352 19.10 -5.36 -16.83
N ILE A 353 19.19 -5.80 -15.56
CA ILE A 353 19.87 -7.06 -15.21
C ILE A 353 19.07 -8.23 -15.83
N TRP A 354 17.72 -8.19 -15.73
CA TRP A 354 16.85 -9.22 -16.31
C TRP A 354 16.76 -9.07 -17.85
N LEU A 355 16.84 -7.81 -18.38
CA LEU A 355 16.80 -7.58 -19.83
C LEU A 355 18.10 -8.04 -20.52
N LYS A 356 19.23 -8.11 -19.77
CA LYS A 356 20.52 -8.61 -20.26
C LYS A 356 20.73 -10.07 -19.77
N MET A 357 19.65 -10.86 -19.83
CA MET A 357 19.60 -12.27 -19.40
C MET A 357 18.55 -13.01 -20.26
N GLY A 358 17.32 -12.51 -20.28
CA GLY A 358 16.23 -13.07 -21.07
C GLY A 358 15.78 -14.44 -20.62
N LYS A 359 16.51 -15.48 -21.03
CA LYS A 359 16.27 -16.88 -20.67
C LYS A 359 17.14 -17.29 -19.48
N LYS A 360 18.29 -16.60 -19.26
CA LYS A 360 19.19 -16.85 -18.13
C LYS A 360 18.56 -16.45 -16.79
N GLN A 361 17.65 -15.46 -16.79
CA GLN A 361 17.06 -14.90 -15.56
C GLN A 361 16.31 -15.94 -14.72
N PRO A 362 16.24 -15.77 -13.39
CA PRO A 362 15.56 -16.78 -12.56
C PRO A 362 14.04 -16.85 -12.76
N SER A 363 13.44 -17.91 -12.20
CA SER A 363 11.99 -18.14 -12.24
C SER A 363 11.27 -17.15 -11.33
N LEU A 364 9.93 -17.13 -11.38
CA LEU A 364 9.12 -16.27 -10.53
C LEU A 364 9.29 -16.67 -9.06
N ALA A 365 9.39 -17.98 -8.79
CA ALA A 365 9.59 -18.50 -7.43
C ALA A 365 10.95 -18.12 -6.84
N ILE A 366 12.01 -18.12 -7.66
CA ILE A 366 13.36 -17.75 -7.22
C ILE A 366 13.41 -16.25 -6.92
N LYS A 367 12.71 -15.42 -7.72
CA LYS A 367 12.66 -13.98 -7.48
C LYS A 367 11.85 -13.67 -6.21
N PHE A 368 10.72 -14.39 -6.00
CA PHE A 368 9.88 -14.24 -4.79
C PHE A 368 10.65 -14.76 -3.55
N SER A 369 11.46 -15.83 -3.71
CA SER A 369 12.27 -16.39 -2.62
C SER A 369 13.45 -15.47 -2.26
N ILE A 370 14.10 -14.85 -3.27
CA ILE A 370 15.20 -13.91 -3.03
C ILE A 370 14.67 -12.74 -2.20
N GLY A 371 13.57 -12.13 -2.65
CA GLY A 371 12.92 -11.01 -1.97
C GLY A 371 12.52 -11.26 -0.54
N THR A 372 11.87 -12.41 -0.25
CA THR A 372 11.46 -12.77 1.12
C THR A 372 12.67 -13.07 2.00
N LEU A 373 13.74 -13.69 1.43
CA LEU A 373 14.99 -13.96 2.17
C LEU A 373 15.66 -12.66 2.60
N LEU A 374 15.73 -11.67 1.67
CA LEU A 374 16.31 -10.35 1.96
C LEU A 374 15.50 -9.61 3.04
N ALA A 375 14.16 -9.72 3.00
CA ALA A 375 13.29 -9.11 4.03
C ALA A 375 13.52 -9.81 5.38
N GLY A 376 13.67 -11.13 5.36
CA GLY A 376 13.97 -11.91 6.56
C GLY A 376 15.32 -11.55 7.15
N LEU A 377 16.36 -11.44 6.28
CA LEU A 377 17.72 -11.07 6.67
C LEU A 377 17.79 -9.64 7.24
N SER A 378 16.95 -8.72 6.75
CA SER A 378 16.92 -7.32 7.25
C SER A 378 16.45 -7.26 8.72
N TYR A 379 15.56 -8.20 9.12
CA TYR A 379 15.06 -8.30 10.49
C TYR A 379 16.06 -9.08 11.38
N ILE A 380 16.82 -10.02 10.80
CA ILE A 380 17.88 -10.74 11.54
C ILE A 380 19.02 -9.72 11.81
N LEU A 381 19.35 -8.88 10.81
CA LEU A 381 20.41 -7.86 10.93
C LEU A 381 20.15 -6.93 12.12
N ILE A 382 19.00 -6.24 12.13
CA ILE A 382 18.67 -5.29 13.20
C ILE A 382 18.45 -5.98 14.57
N GLY A 383 17.92 -7.20 14.56
CA GLY A 383 17.73 -7.98 15.78
C GLY A 383 19.05 -8.35 16.43
N LEU A 384 20.06 -8.69 15.61
CA LEU A 384 21.41 -9.03 16.10
C LEU A 384 22.15 -7.79 16.60
N VAL A 385 21.85 -6.61 16.03
CA VAL A 385 22.42 -5.32 16.45
C VAL A 385 21.87 -4.98 17.86
N GLY A 386 20.56 -5.10 18.04
CA GLY A 386 19.92 -4.88 19.32
C GLY A 386 20.46 -5.82 20.39
N LEU A 387 20.67 -7.09 19.99
CA LEU A 387 21.22 -8.14 20.85
C LEU A 387 22.70 -7.89 21.19
N GLY A 388 23.46 -7.39 20.21
CA GLY A 388 24.87 -7.09 20.38
C GLY A 388 25.16 -5.87 21.24
N TYR A 389 24.35 -4.80 21.08
CA TYR A 389 24.52 -3.54 21.83
C TYR A 389 23.73 -3.50 23.16
N GLY A 390 22.55 -4.13 23.20
CA GLY A 390 21.71 -4.17 24.38
C GLY A 390 21.20 -2.80 24.78
N HIS A 391 21.58 -2.32 25.98
CA HIS A 391 21.19 -1.01 26.49
C HIS A 391 21.97 0.12 25.78
N THR A 392 23.17 -0.18 25.22
CA THR A 392 24.00 0.81 24.53
C THR A 392 23.30 1.36 23.27
N GLN A 393 23.40 2.68 23.07
CA GLN A 393 22.81 3.36 21.92
C GLN A 393 23.69 3.11 20.68
N PHE A 394 23.12 2.53 19.62
CA PHE A 394 23.84 2.20 18.38
C PHE A 394 23.57 3.23 17.30
N SER A 395 24.37 3.20 16.23
CA SER A 395 24.25 4.15 15.13
C SER A 395 22.97 3.95 14.31
N VAL A 396 22.38 5.07 13.84
CA VAL A 396 21.18 5.03 13.00
C VAL A 396 21.49 4.34 11.65
N ASN A 397 22.78 4.29 11.24
CA ASN A 397 23.23 3.60 10.01
C ASN A 397 22.77 2.12 9.97
N TRP A 398 22.75 1.46 11.14
CA TRP A 398 22.26 0.08 11.26
C TRP A 398 20.75 -0.02 10.93
N VAL A 399 19.96 1.00 11.31
CA VAL A 399 18.52 1.05 11.05
C VAL A 399 18.31 1.33 9.56
N ILE A 400 19.09 2.26 8.99
CA ILE A 400 19.03 2.58 7.56
C ILE A 400 19.42 1.33 6.74
N LEU A 401 20.52 0.62 7.12
CA LEU A 401 20.96 -0.61 6.45
C LEU A 401 19.84 -1.66 6.45
N SER A 402 19.02 -1.72 7.50
CA SER A 402 17.88 -2.65 7.56
C SER A 402 16.85 -2.26 6.47
N TYR A 403 16.47 -0.96 6.37
CA TYR A 403 15.55 -0.48 5.33
C TYR A 403 16.11 -0.71 3.92
N VAL A 404 17.42 -0.52 3.74
CA VAL A 404 18.07 -0.70 2.43
C VAL A 404 18.05 -2.17 1.98
N ILE A 405 18.30 -3.13 2.91
CA ILE A 405 18.26 -4.55 2.57
C ILE A 405 16.81 -4.95 2.20
N CYS A 406 15.81 -4.35 2.86
CA CYS A 406 14.41 -4.68 2.56
C CYS A 406 13.95 -4.10 1.23
N VAL A 407 14.36 -2.87 0.87
CA VAL A 407 14.00 -2.28 -0.45
C VAL A 407 14.69 -3.07 -1.60
N ILE A 408 15.91 -3.61 -1.39
CA ILE A 408 16.59 -4.44 -2.40
C ILE A 408 15.75 -5.71 -2.68
N GLY A 409 15.13 -6.27 -1.64
CA GLY A 409 14.23 -7.41 -1.79
C GLY A 409 12.97 -7.04 -2.55
N GLU A 410 12.46 -5.79 -2.35
CA GLU A 410 11.28 -5.29 -3.06
C GLU A 410 11.54 -5.15 -4.56
N LEU A 411 12.78 -4.78 -4.96
CA LEU A 411 13.14 -4.65 -6.37
C LEU A 411 13.06 -6.00 -7.12
N CYS A 412 13.28 -7.13 -6.42
CA CYS A 412 13.19 -8.48 -7.00
C CYS A 412 11.75 -8.99 -6.98
N LEU A 413 11.02 -8.77 -5.86
CA LEU A 413 9.65 -9.28 -5.64
C LEU A 413 8.50 -8.45 -6.23
N SER A 414 8.50 -7.12 -6.04
CA SER A 414 7.38 -6.25 -6.46
C SER A 414 7.10 -6.26 -7.98
N PRO A 415 8.08 -6.09 -8.90
CA PRO A 415 7.76 -6.13 -10.34
C PRO A 415 7.34 -7.52 -10.83
N THR A 416 7.89 -8.60 -10.22
CA THR A 416 7.57 -10.00 -10.56
C THR A 416 6.09 -10.30 -10.31
N GLY A 417 5.58 -9.84 -9.16
CA GLY A 417 4.19 -10.04 -8.77
C GLY A 417 3.20 -9.34 -9.69
N ASN A 418 3.57 -8.16 -10.23
CA ASN A 418 2.73 -7.41 -11.17
C ASN A 418 2.60 -8.18 -12.49
N SER A 419 3.72 -8.74 -12.99
CA SER A 419 3.76 -9.54 -14.21
C SER A 419 3.07 -10.90 -13.99
N ALA A 420 3.16 -11.47 -12.77
CA ALA A 420 2.52 -12.75 -12.43
C ALA A 420 0.99 -12.59 -12.36
N ALA A 421 0.51 -11.44 -11.85
CA ALA A 421 -0.91 -11.12 -11.74
C ALA A 421 -1.64 -11.06 -13.09
N VAL A 422 -0.89 -10.80 -14.20
CA VAL A 422 -1.45 -10.73 -15.56
C VAL A 422 -1.13 -12.01 -16.37
N LYS A 423 0.10 -12.57 -16.24
CA LYS A 423 0.50 -13.79 -16.97
C LYS A 423 -0.22 -15.03 -16.44
N LEU A 424 -0.19 -15.27 -15.12
CA LEU A 424 -0.85 -16.43 -14.50
C LEU A 424 -2.39 -16.26 -14.42
N ALA A 425 -2.94 -15.08 -14.75
CA ALA A 425 -4.38 -14.84 -14.65
C ALA A 425 -5.21 -15.63 -15.66
N PRO A 426 -6.30 -16.32 -15.22
CA PRO A 426 -7.18 -17.00 -16.20
C PRO A 426 -7.93 -15.97 -17.06
N LYS A 427 -8.34 -16.36 -18.29
CA LYS A 427 -9.05 -15.50 -19.24
C LYS A 427 -10.26 -14.77 -18.63
N ALA A 428 -11.08 -15.48 -17.82
CA ALA A 428 -12.29 -14.91 -17.20
C ALA A 428 -12.08 -14.27 -15.82
N PHE A 429 -10.90 -14.46 -15.19
CA PHE A 429 -10.61 -13.98 -13.84
C PHE A 429 -9.40 -13.02 -13.80
N ASN A 430 -9.34 -12.06 -14.71
CA ASN A 430 -8.25 -11.07 -14.76
C ASN A 430 -8.36 -10.09 -13.61
N ALA A 431 -9.56 -9.52 -13.40
CA ALA A 431 -9.82 -8.58 -12.30
C ALA A 431 -9.67 -9.26 -10.93
N GLN A 432 -10.06 -10.55 -10.84
CA GLN A 432 -9.93 -11.34 -9.61
C GLN A 432 -8.45 -11.67 -9.32
N MET A 433 -7.61 -11.83 -10.37
CA MET A 433 -6.17 -12.11 -10.17
C MET A 433 -5.43 -10.84 -9.74
N MET A 434 -5.88 -9.64 -10.19
CA MET A 434 -5.30 -8.38 -9.75
C MET A 434 -5.61 -8.18 -8.25
N SER A 435 -6.78 -8.69 -7.77
CA SER A 435 -7.15 -8.63 -6.37
C SER A 435 -6.29 -9.57 -5.50
N VAL A 436 -5.92 -10.80 -5.98
CA VAL A 436 -5.08 -11.69 -5.15
C VAL A 436 -3.65 -11.11 -5.00
N TRP A 437 -3.05 -10.56 -6.08
CA TRP A 437 -1.71 -9.96 -5.97
C TRP A 437 -1.78 -8.72 -5.01
N LEU A 438 -2.86 -7.93 -5.10
CA LEU A 438 -3.11 -6.78 -4.22
C LEU A 438 -3.31 -7.25 -2.74
N LEU A 439 -4.02 -8.38 -2.53
CA LEU A 439 -4.26 -8.95 -1.21
C LEU A 439 -2.99 -9.49 -0.51
N THR A 440 -1.86 -9.73 -1.24
CA THR A 440 -0.63 -10.15 -0.57
C THR A 440 -0.21 -9.03 0.41
N ASN A 441 -0.44 -7.76 0.02
CA ASN A 441 -0.14 -6.60 0.87
C ASN A 441 -1.21 -6.40 1.94
N ALA A 442 -2.51 -6.44 1.55
CA ALA A 442 -3.62 -6.26 2.49
C ALA A 442 -3.64 -7.31 3.60
N SER A 443 -3.48 -8.60 3.23
CA SER A 443 -3.47 -9.70 4.20
C SER A 443 -2.31 -9.58 5.18
N ALA A 444 -1.12 -9.19 4.68
CA ALA A 444 0.07 -8.98 5.50
C ALA A 444 -0.17 -7.85 6.52
N GLN A 445 -0.81 -6.75 6.06
CA GLN A 445 -1.15 -5.60 6.89
C GLN A 445 -2.24 -5.94 7.93
N ALA A 446 -3.20 -6.81 7.56
CA ALA A 446 -4.23 -7.28 8.49
C ALA A 446 -3.61 -8.16 9.60
N ILE A 447 -2.61 -8.98 9.25
CA ILE A 447 -1.87 -9.82 10.19
C ILE A 447 -1.03 -8.89 11.09
N ASN A 448 -0.36 -7.89 10.50
CA ASN A 448 0.44 -6.92 11.25
C ASN A 448 -0.34 -6.16 12.33
N GLY A 449 -1.64 -5.94 12.13
CA GLY A 449 -2.51 -5.29 13.10
C GLY A 449 -2.57 -6.01 14.43
N THR A 450 -2.47 -7.35 14.39
CA THR A 450 -2.47 -8.24 15.57
C THR A 450 -1.04 -8.75 15.90
N LEU A 451 -0.15 -8.90 14.90
CA LEU A 451 1.23 -9.39 15.11
C LEU A 451 2.05 -8.43 15.98
N VAL A 452 1.81 -7.09 15.90
CA VAL A 452 2.53 -6.10 16.74
C VAL A 452 2.28 -6.29 18.25
N LYS A 453 1.17 -6.96 18.64
CA LYS A 453 0.85 -7.23 20.05
C LYS A 453 1.84 -8.22 20.69
N LEU A 454 2.67 -8.94 19.88
CA LEU A 454 3.72 -9.82 20.39
C LEU A 454 5.01 -9.05 20.77
N ILE A 455 5.10 -7.71 20.55
CA ILE A 455 6.30 -6.94 20.89
C ILE A 455 6.51 -6.87 22.40
N LYS A 456 5.46 -6.59 23.19
CA LYS A 456 5.59 -6.53 24.65
C LYS A 456 5.99 -7.89 25.29
N PRO A 457 5.29 -9.02 25.02
CA PRO A 457 5.69 -10.29 25.64
C PRO A 457 7.05 -10.86 25.22
N LEU A 458 7.38 -10.81 23.92
CA LEU A 458 8.65 -11.34 23.40
C LEU A 458 9.82 -10.39 23.61
N GLY A 459 9.55 -9.10 23.54
CA GLY A 459 10.58 -8.07 23.60
C GLY A 459 10.82 -7.60 22.18
N GLN A 460 11.21 -6.34 22.00
CA GLN A 460 11.40 -5.77 20.66
C GLN A 460 12.53 -6.45 19.86
N THR A 461 13.63 -6.85 20.50
CA THR A 461 14.76 -7.49 19.81
C THR A 461 14.45 -8.94 19.40
N ASN A 462 13.85 -9.74 20.30
CA ASN A 462 13.50 -11.14 19.99
C ASN A 462 12.40 -11.20 18.92
N TYR A 463 11.49 -10.19 18.91
CA TYR A 463 10.43 -10.06 17.91
C TYR A 463 11.03 -9.99 16.51
N PHE A 464 12.09 -9.18 16.32
CA PHE A 464 12.76 -9.07 15.03
C PHE A 464 13.43 -10.38 14.62
N ILE A 465 14.09 -11.09 15.57
CA ILE A 465 14.76 -12.35 15.29
C ILE A 465 13.74 -13.46 14.97
N PHE A 466 12.64 -13.54 15.74
CA PHE A 466 11.58 -14.53 15.51
C PHE A 466 10.95 -14.38 14.12
N LEU A 467 10.54 -13.17 13.74
CA LEU A 467 9.94 -12.90 12.43
C LEU A 467 10.89 -13.21 11.28
N GLY A 468 12.13 -12.73 11.39
CA GLY A 468 13.17 -12.98 10.39
C GLY A 468 13.46 -14.45 10.17
N THR A 469 13.46 -15.25 11.27
CA THR A 469 13.68 -16.70 11.23
C THR A 469 12.48 -17.37 10.56
N VAL A 470 11.24 -17.02 10.98
CA VAL A 470 9.99 -17.55 10.41
C VAL A 470 9.92 -17.29 8.90
N ALA A 471 10.33 -16.09 8.46
CA ALA A 471 10.33 -15.73 7.04
C ALA A 471 11.37 -16.52 6.23
N ILE A 472 12.56 -16.79 6.79
CA ILE A 472 13.63 -17.52 6.09
C ILE A 472 13.32 -19.03 6.02
N VAL A 473 12.93 -19.67 7.14
CA VAL A 473 12.64 -21.12 7.16
C VAL A 473 11.47 -21.47 6.23
N ILE A 474 10.40 -20.66 6.19
CA ILE A 474 9.25 -20.89 5.30
C ILE A 474 9.67 -20.67 3.82
N THR A 475 10.57 -19.69 3.56
CA THR A 475 11.07 -19.43 2.20
C THR A 475 11.89 -20.61 1.70
N LEU A 476 12.81 -21.12 2.54
CA LEU A 476 13.64 -22.29 2.18
C LEU A 476 12.79 -23.56 2.00
N ILE A 477 11.67 -23.69 2.76
CA ILE A 477 10.75 -24.82 2.62
C ILE A 477 10.05 -24.74 1.26
N ILE A 478 9.49 -23.56 0.92
CA ILE A 478 8.83 -23.35 -0.38
C ILE A 478 9.85 -23.45 -1.53
N LEU A 479 11.13 -23.09 -1.30
CA LEU A 479 12.19 -23.15 -2.31
C LEU A 479 12.53 -24.60 -2.75
N VAL A 480 12.23 -25.64 -1.93
CA VAL A 480 12.49 -27.03 -2.35
C VAL A 480 11.51 -27.45 -3.46
N PHE A 481 10.33 -26.78 -3.57
CA PHE A 481 9.33 -27.03 -4.61
C PHE A 481 9.45 -25.99 -5.76
N SER A 482 10.64 -25.38 -5.95
CA SER A 482 10.86 -24.40 -7.02
C SER A 482 10.74 -25.02 -8.42
N PRO A 483 11.24 -26.25 -8.70
CA PRO A 483 11.03 -26.84 -10.04
C PRO A 483 9.57 -27.24 -10.28
N LYS A 484 8.86 -27.69 -9.22
CA LYS A 484 7.45 -28.09 -9.31
C LYS A 484 6.54 -26.90 -9.56
N ILE A 485 6.70 -25.81 -8.77
CA ILE A 485 5.90 -24.59 -8.88
C ILE A 485 5.98 -23.93 -10.29
N THR A 486 7.13 -24.06 -10.99
CA THR A 486 7.29 -23.52 -12.34
C THR A 486 6.47 -24.36 -13.35
N LYS A 487 5.29 -23.85 -13.73
CA LYS A 487 4.35 -24.50 -14.65
C LYS A 487 3.98 -23.54 -15.78
C1 FVT B . 6.41 3.25 0.65
C3 FVT B . 6.50 2.80 -1.82
O2 FVT B . 6.90 1.67 -2.02
C4 FVT B . 5.45 3.43 -2.71
N FVT B . 5.36 2.87 -4.04
C FVT B . 7.04 3.63 -0.68
C2 FVT B . 7.28 3.54 1.83
O FVT B . 7.80 2.68 2.51
O1 FVT B . 7.40 4.82 2.09
#